data_3SHW
#
_entry.id   3SHW
#
_cell.length_a   49.005
_cell.length_b   86.955
_cell.length_c   141.401
_cell.angle_alpha   90.00
_cell.angle_beta   90.00
_cell.angle_gamma   90.00
#
_symmetry.space_group_name_H-M   'P 21 21 21'
#
loop_
_entity.id
_entity.type
_entity.pdbx_description
1 polymer 'Tight junction protein ZO-1'
2 polymer 'Gap junction gamma-1 protein'
3 water water
#
loop_
_entity_poly.entity_id
_entity_poly.type
_entity_poly.pdbx_seq_one_letter_code
_entity_poly.pdbx_strand_id
1 'polypeptide(L)'
;SMKLVKFRKGDSVGLRLAGGNDVGIFVAGVLEDSPAAKEGLEEGDQILRVNNVDFTNIIREEAVLFLLDLPKGEEVTILA
QKKKDVYRRIVESDVGDSFYIRTHFEYEKESPYGLSFNKGEVFRVVDTLYNGKLGSWLAIRIGKNHKEVERGIIPNKNRA
EQLASVQYTLPKTAGGDRADFWRFRGLRSSKRNLRKSREDLSAQPVQTKFPAYERVVLREAGFLRPVTIFGPIADVAREK
LAREEPDIYQIAKSEPRDAGTDQRSSGIIRLHTIKQIIDQDKHALLDVTPNAVDRLNYAQWYPIVVFLNPDSKQGVKTMR
MRLCPESRKSARKLYERSHKLRKNNHHLFTTTINLNSMNDGWYGALKEAIQQQQNQLVWVSEGKADGATSDDLDLHDDRL
SYLSAPGSEYSMYSTDSRHTSDYEDTDTEGGAYTDQELDETLNDEVGTPPESAITRSSEPVREDSSGM
;
A
2 'polypeptide(L)' SGDGKTSVWI B
#
# COMPACT_ATOMS: atom_id res chain seq x y z
N SER A 1 -6.77 37.27 8.34
CA SER A 1 -6.44 37.94 7.04
C SER A 1 -5.64 37.01 6.12
N MET A 2 -5.79 37.23 4.82
CA MET A 2 -5.10 36.45 3.82
C MET A 2 -4.19 37.37 3.03
N LYS A 3 -2.91 37.02 2.94
CA LYS A 3 -1.88 37.91 2.39
C LYS A 3 -1.18 37.38 1.14
N LEU A 4 -0.84 38.27 0.23
CA LEU A 4 -0.17 37.88 -1.01
C LEU A 4 1.19 38.54 -1.11
N VAL A 5 2.24 37.73 -1.28
CA VAL A 5 3.60 38.25 -1.32
C VAL A 5 4.36 37.93 -2.63
N LYS A 6 5.12 38.91 -3.10
CA LYS A 6 5.97 38.73 -4.27
C LYS A 6 7.36 39.14 -3.87
N PHE A 7 8.35 38.33 -4.24
CA PHE A 7 9.74 38.67 -3.99
C PHE A 7 10.66 37.86 -4.88
N ARG A 8 11.87 38.35 -5.03
CA ARG A 8 12.91 37.62 -5.73
C ARG A 8 13.54 36.66 -4.74
N LYS A 9 13.95 35.50 -5.23
CA LYS A 9 14.63 34.50 -4.41
C LYS A 9 16.15 34.75 -4.50
N GLY A 10 16.78 34.88 -3.34
CA GLY A 10 18.24 34.99 -3.28
C GLY A 10 18.89 33.62 -3.45
N ASP A 11 19.77 33.29 -2.49
CA ASP A 11 20.35 31.94 -2.41
C ASP A 11 19.33 30.98 -1.82
N SER A 12 18.45 31.52 -0.97
CA SER A 12 17.38 30.76 -0.35
C SER A 12 16.16 31.66 -0.28
N VAL A 13 15.00 31.09 0.05
CA VAL A 13 13.79 31.88 0.33
C VAL A 13 13.73 32.30 1.79
N GLY A 14 14.73 31.89 2.57
CA GLY A 14 14.79 32.16 4.00
C GLY A 14 13.54 31.70 4.75
N LEU A 15 13.22 30.41 4.61
CA LEU A 15 12.06 29.83 5.30
C LEU A 15 12.33 28.45 5.87
N ARG A 16 11.55 28.13 6.90
CA ARG A 16 11.52 26.81 7.51
C ARG A 16 10.06 26.41 7.60
N LEU A 17 9.78 25.19 7.19
CA LEU A 17 8.41 24.70 7.06
C LEU A 17 8.04 23.71 8.16
N ALA A 18 6.78 23.75 8.56
CA ALA A 18 6.19 22.78 9.46
C ALA A 18 4.87 22.35 8.85
N GLY A 19 4.25 21.32 9.42
CA GLY A 19 3.00 20.77 8.89
C GLY A 19 3.25 19.75 7.81
N GLY A 20 2.32 19.66 6.87
CA GLY A 20 2.40 18.67 5.80
C GLY A 20 1.05 18.49 5.15
N ASN A 21 0.90 17.40 4.41
CA ASN A 21 -0.29 17.17 3.59
C ASN A 21 -1.61 17.06 4.35
N ASP A 22 -1.55 16.70 5.62
CA ASP A 22 -2.76 16.48 6.42
C ASP A 22 -3.35 17.78 6.92
N VAL A 23 -2.51 18.68 7.41
CA VAL A 23 -2.98 19.91 8.06
C VAL A 23 -2.59 21.19 7.29
N GLY A 24 -1.79 21.04 6.23
CA GLY A 24 -1.31 22.18 5.48
C GLY A 24 0.12 22.54 5.85
N ILE A 25 0.77 23.30 4.98
CA ILE A 25 2.15 23.70 5.17
C ILE A 25 2.19 25.04 5.90
N PHE A 26 3.10 25.14 6.86
CA PHE A 26 3.14 26.32 7.70
C PHE A 26 4.53 26.92 7.80
N VAL A 27 4.56 28.25 7.90
CA VAL A 27 5.79 28.96 8.18
C VAL A 27 6.17 28.73 9.64
N ALA A 28 7.20 27.91 9.86
CA ALA A 28 7.70 27.64 11.21
C ALA A 28 8.75 28.66 11.63
N GLY A 29 9.24 29.43 10.66
CA GLY A 29 10.24 30.46 10.92
C GLY A 29 10.62 31.22 9.67
N VAL A 30 10.88 32.51 9.85
CA VAL A 30 11.40 33.36 8.77
C VAL A 30 12.83 33.73 9.13
N LEU A 31 13.51 34.42 8.23
CA LEU A 31 14.85 34.95 8.51
C LEU A 31 14.77 36.47 8.60
N GLU A 32 15.30 37.01 9.71
CA GLU A 32 15.20 38.45 10.04
C GLU A 32 15.41 39.39 8.85
N ASP A 33 16.53 39.20 8.16
CA ASP A 33 16.85 39.96 6.96
C ASP A 33 16.62 39.10 5.71
N SER A 34 15.39 39.14 5.19
CA SER A 34 15.04 38.44 3.95
C SER A 34 13.90 39.11 3.19
N PRO A 35 13.91 39.01 1.84
CA PRO A 35 12.84 39.54 0.97
C PRO A 35 11.45 39.05 1.35
N ALA A 36 11.36 37.79 1.79
CA ALA A 36 10.10 37.23 2.25
C ALA A 36 9.64 37.90 3.54
N ALA A 37 10.56 38.08 4.49
CA ALA A 37 10.25 38.73 5.76
C ALA A 37 9.68 40.14 5.57
N LYS A 38 10.37 40.94 4.77
CA LYS A 38 9.99 42.34 4.52
C LYS A 38 8.64 42.43 3.80
N GLU A 39 8.29 41.37 3.07
CA GLU A 39 7.01 41.29 2.38
C GLU A 39 5.82 41.02 3.32
N GLY A 40 6.10 40.66 4.57
CA GLY A 40 5.05 40.50 5.59
C GLY A 40 4.82 39.07 6.02
N LEU A 41 5.60 38.16 5.44
CA LEU A 41 5.51 36.73 5.76
C LEU A 41 6.08 36.45 7.14
N GLU A 42 5.28 35.77 7.96
CA GLU A 42 5.64 35.57 9.37
C GLU A 42 5.22 34.19 9.90
N GLU A 43 5.91 33.75 10.96
CA GLU A 43 5.59 32.50 11.64
C GLU A 43 4.09 32.36 11.88
N GLY A 44 3.58 31.15 11.70
CA GLY A 44 2.16 30.88 11.91
C GLY A 44 1.30 30.99 10.66
N ASP A 45 1.87 31.55 9.59
CA ASP A 45 1.18 31.66 8.32
C ASP A 45 1.14 30.32 7.60
N GLN A 46 -0.04 29.97 7.08
CA GLN A 46 -0.20 28.78 6.27
C GLN A 46 0.02 29.13 4.81
N ILE A 47 1.04 28.52 4.20
CA ILE A 47 1.36 28.76 2.80
C ILE A 47 0.32 28.06 1.91
N LEU A 48 -0.59 28.86 1.35
CA LEU A 48 -1.69 28.32 0.56
C LEU A 48 -1.32 28.04 -0.88
N ARG A 49 -0.49 28.91 -1.46
CA ARG A 49 -0.09 28.79 -2.87
C ARG A 49 1.28 29.42 -3.10
N VAL A 50 2.13 28.72 -3.84
CA VAL A 50 3.45 29.22 -4.24
C VAL A 50 3.53 29.19 -5.75
N ASN A 51 3.95 30.32 -6.34
CA ASN A 51 3.76 30.57 -7.76
C ASN A 51 2.33 30.17 -8.09
N ASN A 52 2.14 29.28 -9.06
CA ASN A 52 0.78 28.83 -9.35
C ASN A 52 0.46 27.49 -8.70
N VAL A 53 1.48 26.83 -8.17
CA VAL A 53 1.34 25.49 -7.61
C VAL A 53 0.57 25.50 -6.28
N ASP A 54 -0.49 24.70 -6.22
CA ASP A 54 -1.28 24.49 -5.02
C ASP A 54 -0.42 23.96 -3.88
N PHE A 55 -0.55 24.55 -2.68
CA PHE A 55 0.20 24.10 -1.50
C PHE A 55 -0.68 23.60 -0.35
N THR A 56 -1.99 23.50 -0.56
CA THR A 56 -2.88 23.03 0.51
C THR A 56 -2.86 21.50 0.71
N ASN A 57 -2.37 20.77 -0.30
CA ASN A 57 -2.40 19.30 -0.26
C ASN A 57 -1.09 18.71 -0.78
N ILE A 58 0.02 19.12 -0.17
CA ILE A 58 1.34 18.73 -0.62
C ILE A 58 2.11 18.17 0.58
N ILE A 59 2.87 17.10 0.39
CA ILE A 59 3.62 16.55 1.52
C ILE A 59 4.75 17.52 1.86
N ARG A 60 5.20 17.55 3.11
CA ARG A 60 6.20 18.55 3.47
C ARG A 60 7.45 18.42 2.60
N GLU A 61 7.91 17.19 2.38
CA GLU A 61 9.06 16.92 1.51
C GLU A 61 8.89 17.58 0.14
N GLU A 62 7.71 17.41 -0.47
CA GLU A 62 7.42 18.03 -1.77
C GLU A 62 7.53 19.55 -1.70
N ALA A 63 7.03 20.13 -0.59
CA ALA A 63 7.04 21.58 -0.37
C ALA A 63 8.46 22.10 -0.19
N VAL A 64 9.21 21.43 0.66
CA VAL A 64 10.61 21.77 0.85
C VAL A 64 11.38 21.71 -0.47
N LEU A 65 11.27 20.58 -1.19
CA LEU A 65 12.00 20.43 -2.45
C LEU A 65 11.55 21.40 -3.56
N PHE A 66 10.27 21.73 -3.57
CA PHE A 66 9.74 22.67 -4.54
C PHE A 66 10.36 24.06 -4.36
N LEU A 67 10.43 24.50 -3.10
CA LEU A 67 10.94 25.83 -2.79
C LEU A 67 12.44 25.89 -2.96
N LEU A 68 13.10 24.78 -2.66
CA LEU A 68 14.53 24.64 -2.92
C LEU A 68 14.79 24.82 -4.42
N ASP A 69 14.03 24.11 -5.24
CA ASP A 69 14.24 24.02 -6.68
C ASP A 69 14.05 25.33 -7.44
N LEU A 70 13.29 26.25 -6.85
CA LEU A 70 13.10 27.59 -7.41
C LEU A 70 14.43 28.27 -7.77
N PRO A 71 14.50 28.90 -8.97
CA PRO A 71 15.74 29.47 -9.49
C PRO A 71 16.21 30.72 -8.76
N LYS A 72 17.52 30.79 -8.52
CA LYS A 72 18.16 31.90 -7.82
C LYS A 72 18.03 33.18 -8.65
N GLY A 73 17.35 34.18 -8.09
CA GLY A 73 17.23 35.49 -8.75
C GLY A 73 15.86 35.79 -9.35
N GLU A 74 15.14 34.74 -9.75
CA GLU A 74 13.82 34.87 -10.34
C GLU A 74 12.74 35.18 -9.29
N GLU A 75 11.52 35.49 -9.74
CA GLU A 75 10.44 35.95 -8.85
C GLU A 75 9.52 34.84 -8.34
N VAL A 76 8.97 35.04 -7.13
CA VAL A 76 8.13 34.03 -6.45
C VAL A 76 6.88 34.68 -5.89
N THR A 77 5.72 34.08 -6.15
CA THR A 77 4.44 34.63 -5.67
C THR A 77 3.81 33.69 -4.64
N ILE A 78 3.74 34.15 -3.39
CA ILE A 78 3.16 33.35 -2.31
C ILE A 78 1.81 33.91 -1.79
N LEU A 79 0.77 33.08 -1.88
CA LEU A 79 -0.50 33.34 -1.20
C LEU A 79 -0.45 32.67 0.17
N ALA A 80 -0.65 33.45 1.22
CA ALA A 80 -0.58 32.93 2.59
C ALA A 80 -1.74 33.41 3.44
N GLN A 81 -1.92 32.74 4.57
CA GLN A 81 -3.01 33.06 5.48
C GLN A 81 -2.59 32.86 6.92
N LYS A 82 -2.82 33.89 7.73
CA LYS A 82 -2.50 33.84 9.14
C LYS A 82 -3.43 32.84 9.81
N LYS A 83 -2.84 31.95 10.60
CA LYS A 83 -3.60 30.92 11.32
C LYS A 83 -2.92 30.57 12.64
N LYS A 84 -2.70 31.58 13.48
CA LYS A 84 -2.02 31.39 14.78
C LYS A 84 -2.62 30.24 15.60
N ASP A 85 -3.95 30.16 15.61
CA ASP A 85 -4.67 29.12 16.35
C ASP A 85 -4.45 27.69 15.81
N VAL A 86 -4.61 27.53 14.49
CA VAL A 86 -4.42 26.23 13.85
C VAL A 86 -2.97 25.76 13.98
N TYR A 87 -2.03 26.70 13.86
CA TYR A 87 -0.61 26.43 13.96
C TYR A 87 -0.21 25.95 15.35
N ARG A 88 -0.83 26.54 16.38
CA ARG A 88 -0.61 26.18 17.78
C ARG A 88 -0.89 24.69 18.00
N ARG A 89 -2.02 24.22 17.47
CA ARG A 89 -2.42 22.81 17.55
C ARG A 89 -1.42 21.91 16.85
N ILE A 90 -0.98 22.33 15.66
CA ILE A 90 -0.05 21.54 14.85
C ILE A 90 1.30 21.35 15.54
N VAL A 91 1.85 22.42 16.12
CA VAL A 91 3.09 22.33 16.88
C VAL A 91 2.91 21.46 18.12
N GLU A 92 1.94 21.82 18.97
CA GLU A 92 1.71 21.11 20.23
C GLU A 92 1.41 19.62 20.07
N SER A 93 0.56 19.27 19.11
CA SER A 93 0.25 17.86 18.85
C SER A 93 1.26 17.21 17.89
N ASP A 94 2.16 18.02 17.33
CA ASP A 94 3.29 17.56 16.49
C ASP A 94 2.85 16.73 15.27
N VAL A 95 1.78 17.16 14.61
CA VAL A 95 1.26 16.49 13.42
C VAL A 95 1.59 17.28 12.13
N GLY A 96 1.78 16.58 11.02
CA GLY A 96 2.07 17.23 9.73
C GLY A 96 1.57 16.42 8.54
N ASP A 97 2.37 15.44 8.16
CA ASP A 97 1.97 14.52 7.11
C ASP A 97 1.10 13.38 7.65
N SER A 98 0.25 12.87 6.78
CA SER A 98 -0.55 11.68 7.04
C SER A 98 -1.06 11.16 5.71
N PHE A 99 -0.59 9.98 5.31
CA PHE A 99 -1.13 9.27 4.16
C PHE A 99 -0.70 7.79 4.27
N TYR A 100 -1.32 6.93 3.48
CA TYR A 100 -0.99 5.49 3.51
C TYR A 100 -0.38 5.02 2.19
N ILE A 101 0.63 4.16 2.30
CA ILE A 101 1.27 3.58 1.12
C ILE A 101 1.31 2.06 1.22
N ARG A 102 1.36 1.40 0.07
CA ARG A 102 1.61 -0.04 0.02
C ARG A 102 2.91 -0.27 -0.73
N THR A 103 3.81 -1.01 -0.11
CA THR A 103 5.15 -1.22 -0.67
C THR A 103 5.08 -2.28 -1.76
N HIS A 104 6.02 -2.24 -2.71
CA HIS A 104 6.09 -3.26 -3.75
C HIS A 104 7.51 -3.79 -3.97
N PHE A 105 8.29 -3.84 -2.90
CA PHE A 105 9.63 -4.39 -2.93
C PHE A 105 10.08 -4.80 -1.53
N GLU A 106 11.07 -5.69 -1.44
CA GLU A 106 11.61 -6.15 -0.17
C GLU A 106 12.57 -5.10 0.36
N TYR A 107 12.48 -4.79 1.65
CA TYR A 107 13.40 -3.85 2.26
C TYR A 107 13.84 -4.30 3.64
N GLU A 108 15.15 -4.29 3.83
CA GLU A 108 15.79 -4.65 5.08
C GLU A 108 16.23 -3.34 5.75
N LYS A 109 15.87 -3.16 7.01
CA LYS A 109 16.20 -1.95 7.77
C LYS A 109 17.71 -1.67 7.77
N GLU A 110 18.07 -0.39 7.59
CA GLU A 110 19.48 0.02 7.45
C GLU A 110 20.02 0.66 8.72
N SER A 111 19.21 0.63 9.77
CA SER A 111 19.48 1.28 11.04
C SER A 111 18.55 0.56 12.00
N PRO A 112 18.92 0.48 13.29
CA PRO A 112 18.03 -0.14 14.27
C PRO A 112 16.66 0.54 14.39
N TYR A 113 16.58 1.80 13.96
CA TYR A 113 15.34 2.60 14.04
C TYR A 113 14.48 2.45 12.80
N GLY A 114 14.88 1.57 11.90
CA GLY A 114 14.18 1.37 10.63
C GLY A 114 13.21 0.20 10.62
N LEU A 115 12.22 0.27 9.74
CA LEU A 115 11.25 -0.82 9.57
C LEU A 115 11.58 -1.61 8.31
N SER A 116 11.65 -2.94 8.44
CA SER A 116 11.84 -3.82 7.30
C SER A 116 10.46 -4.15 6.77
N PHE A 117 10.34 -4.38 5.47
CA PHE A 117 9.06 -4.77 4.89
C PHE A 117 9.15 -5.74 3.72
N ASN A 118 8.14 -6.61 3.60
CA ASN A 118 7.94 -7.39 2.38
C ASN A 118 7.08 -6.61 1.39
N LYS A 119 6.90 -7.17 0.21
CA LYS A 119 5.94 -6.64 -0.75
C LYS A 119 4.54 -6.71 -0.15
N GLY A 120 3.73 -5.69 -0.40
CA GLY A 120 2.32 -5.73 -0.06
C GLY A 120 1.95 -5.18 1.31
N GLU A 121 2.94 -4.80 2.11
CA GLU A 121 2.67 -4.18 3.40
C GLU A 121 2.16 -2.74 3.29
N VAL A 122 1.29 -2.35 4.21
CA VAL A 122 0.75 -0.99 4.24
C VAL A 122 1.32 -0.18 5.41
N PHE A 123 1.63 1.08 5.14
CA PHE A 123 2.20 1.98 6.13
C PHE A 123 1.49 3.30 6.13
N ARG A 124 1.31 3.86 7.33
CA ARG A 124 0.90 5.25 7.44
C ARG A 124 2.16 6.10 7.58
N VAL A 125 2.44 6.90 6.56
CA VAL A 125 3.55 7.82 6.65
C VAL A 125 3.06 9.06 7.39
N VAL A 126 3.79 9.44 8.43
CA VAL A 126 3.37 10.57 9.26
C VAL A 126 4.36 11.74 9.21
N ASP A 127 5.48 11.55 8.52
CA ASP A 127 6.51 12.58 8.48
C ASP A 127 7.43 12.26 7.32
N THR A 128 7.50 13.16 6.35
CA THR A 128 8.21 12.89 5.10
C THR A 128 9.56 13.57 5.08
N LEU A 129 9.87 14.24 6.17
CA LEU A 129 11.11 14.96 6.29
C LEU A 129 11.56 14.70 7.71
N TYR A 130 11.73 13.42 8.03
CA TYR A 130 11.93 12.99 9.40
C TYR A 130 13.21 13.53 10.04
N ASN A 131 13.02 14.29 11.12
CA ASN A 131 14.10 14.95 11.85
C ASN A 131 14.78 16.04 11.04
N GLY A 132 14.07 16.59 10.06
CA GLY A 132 14.60 17.63 9.19
C GLY A 132 15.71 17.08 8.32
N LYS A 133 15.68 15.77 8.10
CA LYS A 133 16.69 15.12 7.30
C LYS A 133 16.06 14.46 6.10
N LEU A 134 16.27 15.10 4.96
CA LEU A 134 15.84 14.57 3.68
C LEU A 134 16.32 13.15 3.50
N GLY A 135 15.38 12.28 3.14
CA GLY A 135 15.70 10.89 2.88
C GLY A 135 14.93 9.91 3.73
N SER A 136 14.58 10.32 4.95
CA SER A 136 13.90 9.44 5.88
C SER A 136 12.45 9.83 6.11
N TRP A 137 11.57 8.86 5.94
CA TRP A 137 10.16 8.99 6.23
C TRP A 137 9.88 8.23 7.52
N LEU A 138 9.07 8.83 8.39
CA LEU A 138 8.62 8.17 9.60
C LEU A 138 7.27 7.54 9.32
N ALA A 139 7.21 6.22 9.48
CA ALA A 139 6.02 5.49 9.13
C ALA A 139 5.58 4.59 10.26
N ILE A 140 4.27 4.32 10.31
CA ILE A 140 3.69 3.34 11.23
C ILE A 140 3.17 2.15 10.42
N ARG A 141 3.72 0.96 10.70
CA ARG A 141 3.29 -0.29 10.09
C ARG A 141 1.84 -0.60 10.45
N ILE A 142 1.00 -0.80 9.43
CA ILE A 142 -0.41 -1.13 9.63
C ILE A 142 -0.61 -2.65 9.58
N GLY A 143 -1.27 -3.20 10.59
CA GLY A 143 -1.50 -4.65 10.70
C GLY A 143 -2.67 -5.19 9.88
N LYS A 144 -3.00 -6.46 10.09
CA LYS A 144 -4.07 -7.11 9.33
C LYS A 144 -5.45 -6.57 9.67
N ASN A 145 -5.62 -6.16 10.92
CA ASN A 145 -6.88 -5.65 11.44
C ASN A 145 -7.08 -4.18 11.12
N HIS A 146 -6.09 -3.61 10.41
CA HIS A 146 -6.02 -2.20 10.02
C HIS A 146 -5.64 -1.25 11.15
N LYS A 147 -5.40 -1.79 12.35
CA LYS A 147 -4.89 -0.99 13.45
C LYS A 147 -3.41 -0.69 13.20
N GLU A 148 -2.88 0.29 13.92
CA GLU A 148 -1.49 0.67 13.77
C GLU A 148 -0.62 -0.14 14.72
N VAL A 149 0.39 -0.81 14.18
CA VAL A 149 1.39 -1.51 14.99
C VAL A 149 2.53 -0.51 15.34
N GLU A 150 3.78 -0.86 15.06
CA GLU A 150 4.91 -0.05 15.51
C GLU A 150 5.34 1.02 14.49
N ARG A 151 6.07 2.03 14.95
CA ARG A 151 6.63 3.01 14.03
C ARG A 151 8.16 2.99 13.92
N GLY A 152 8.66 3.61 12.86
CA GLY A 152 10.08 3.56 12.52
C GLY A 152 10.34 4.16 11.14
N ILE A 153 11.61 4.20 10.76
CA ILE A 153 12.04 4.93 9.56
C ILE A 153 12.03 4.04 8.32
N ILE A 154 11.41 4.52 7.25
CA ILE A 154 11.53 3.90 5.93
C ILE A 154 12.13 4.90 4.93
N PRO A 155 12.63 4.42 3.77
CA PRO A 155 13.16 5.37 2.79
C PRO A 155 12.06 6.23 2.17
N ASN A 156 12.41 7.40 1.64
CA ASN A 156 11.43 8.21 0.91
C ASN A 156 11.15 7.64 -0.49
N LYS A 157 10.08 8.13 -1.14
CA LYS A 157 9.71 7.68 -2.49
C LYS A 157 10.91 7.50 -3.41
N ASN A 158 11.76 8.53 -3.44
CA ASN A 158 12.88 8.61 -4.34
C ASN A 158 13.93 7.52 -4.16
N ARG A 159 14.41 7.37 -2.93
CA ARG A 159 15.34 6.30 -2.63
C ARG A 159 14.67 4.92 -2.74
N ALA A 160 13.41 4.84 -2.34
CA ALA A 160 12.65 3.58 -2.46
C ALA A 160 12.60 3.13 -3.92
N GLU A 161 12.30 4.06 -4.83
CA GLU A 161 12.27 3.79 -6.27
C GLU A 161 13.62 3.26 -6.76
N GLN A 162 14.69 3.90 -6.30
CA GLN A 162 16.06 3.51 -6.65
C GLN A 162 16.32 2.09 -6.14
N LEU A 163 15.99 1.84 -4.87
CA LEU A 163 16.19 0.54 -4.25
C LEU A 163 15.35 -0.54 -4.91
N ALA A 164 14.12 -0.18 -5.31
CA ALA A 164 13.22 -1.11 -5.98
C ALA A 164 13.65 -1.40 -7.42
N SER A 165 14.41 -0.49 -8.03
CA SER A 165 14.91 -0.71 -9.38
C SER A 165 16.14 -1.60 -9.38
N VAL A 166 17.03 -1.40 -8.40
CA VAL A 166 18.21 -2.24 -8.24
C VAL A 166 17.81 -3.68 -7.95
N GLN A 167 16.64 -3.85 -7.35
CA GLN A 167 16.09 -5.16 -7.02
C GLN A 167 15.60 -5.93 -8.26
N TYR A 168 14.84 -5.25 -9.12
CA TYR A 168 14.31 -5.85 -10.35
C TYR A 168 15.38 -6.28 -11.35
N THR A 169 16.27 -5.35 -11.70
CA THR A 169 17.34 -5.62 -12.67
C THR A 169 18.48 -6.39 -12.02
N GLN A 207 6.54 -8.37 -14.77
CA GLN A 207 5.52 -7.72 -15.60
C GLN A 207 4.86 -6.54 -14.91
N THR A 208 4.80 -6.58 -13.58
CA THR A 208 4.11 -5.55 -12.78
C THR A 208 4.70 -4.15 -12.96
N LYS A 209 3.83 -3.22 -13.33
CA LYS A 209 4.21 -1.81 -13.50
C LYS A 209 4.21 -1.10 -12.14
N PHE A 210 4.08 -1.87 -11.06
CA PHE A 210 3.95 -1.34 -9.71
C PHE A 210 5.07 -0.38 -9.29
N PRO A 211 4.70 0.80 -8.77
CA PRO A 211 5.68 1.70 -8.16
C PRO A 211 6.15 1.16 -6.80
N ALA A 212 7.37 1.53 -6.41
CA ALA A 212 7.96 1.16 -5.11
C ALA A 212 7.01 1.40 -3.94
N TYR A 213 6.46 2.61 -3.87
CA TYR A 213 5.38 2.90 -2.94
C TYR A 213 4.12 3.19 -3.73
N GLU A 214 3.00 2.65 -3.28
CA GLU A 214 1.72 2.89 -3.92
C GLU A 214 0.77 3.55 -2.93
N ARG A 215 0.23 4.70 -3.31
CA ARG A 215 -0.73 5.39 -2.45
C ARG A 215 -2.01 4.57 -2.37
N VAL A 216 -2.48 4.36 -1.14
CA VAL A 216 -3.64 3.51 -0.89
C VAL A 216 -4.57 4.16 0.12
N VAL A 217 -5.85 3.79 0.05
CA VAL A 217 -6.90 4.23 0.99
C VAL A 217 -7.84 3.06 1.28
N LEU A 218 -8.43 3.02 2.48
CA LEU A 218 -9.37 1.96 2.86
C LEU A 218 -10.72 2.10 2.16
N ARG A 219 -11.16 1.03 1.51
CA ARG A 219 -12.46 1.01 0.85
C ARG A 219 -13.25 -0.27 1.12
N GLU A 220 -14.56 -0.18 0.94
CA GLU A 220 -15.45 -1.30 1.11
C GLU A 220 -15.70 -1.92 -0.26
N ALA A 221 -15.83 -3.24 -0.32
CA ALA A 221 -16.11 -3.91 -1.59
C ALA A 221 -17.58 -3.75 -1.97
N GLY A 222 -17.82 -3.20 -3.15
CA GLY A 222 -19.18 -3.06 -3.67
C GLY A 222 -19.60 -4.24 -4.51
N PHE A 223 -18.71 -5.21 -4.63
CA PHE A 223 -18.92 -6.40 -5.45
C PHE A 223 -18.35 -7.63 -4.74
N LEU A 224 -18.93 -8.80 -5.02
CA LEU A 224 -18.37 -10.04 -4.51
C LEU A 224 -17.07 -10.38 -5.26
N ARG A 225 -15.94 -10.06 -4.63
CA ARG A 225 -14.63 -10.20 -5.26
C ARG A 225 -14.22 -11.65 -5.56
N PRO A 226 -13.44 -11.86 -6.63
CA PRO A 226 -13.06 -13.19 -7.11
C PRO A 226 -12.21 -13.95 -6.11
N VAL A 227 -12.34 -15.27 -6.10
CA VAL A 227 -11.52 -16.13 -5.25
C VAL A 227 -10.52 -16.91 -6.09
N THR A 228 -9.27 -16.93 -5.63
CA THR A 228 -8.26 -17.83 -6.17
C THR A 228 -7.69 -18.65 -5.03
N ILE A 229 -7.57 -19.95 -5.25
CA ILE A 229 -7.07 -20.83 -4.23
C ILE A 229 -5.81 -21.50 -4.75
N PHE A 230 -4.73 -21.40 -3.96
CA PHE A 230 -3.49 -22.13 -4.23
C PHE A 230 -3.34 -23.22 -3.20
N GLY A 231 -2.58 -24.25 -3.55
CA GLY A 231 -2.34 -25.37 -2.64
C GLY A 231 -2.59 -26.70 -3.31
N PRO A 232 -2.10 -27.80 -2.71
CA PRO A 232 -2.14 -29.13 -3.30
C PRO A 232 -3.54 -29.68 -3.59
N ILE A 233 -4.54 -29.14 -2.88
CA ILE A 233 -5.94 -29.55 -3.11
C ILE A 233 -6.85 -28.38 -3.53
N ALA A 234 -6.26 -27.36 -4.13
CA ALA A 234 -7.02 -26.23 -4.65
C ALA A 234 -8.08 -26.68 -5.66
N ASP A 235 -7.69 -27.57 -6.57
CA ASP A 235 -8.60 -28.10 -7.58
C ASP A 235 -9.84 -28.76 -6.96
N VAL A 236 -9.61 -29.51 -5.88
CA VAL A 236 -10.68 -30.15 -5.11
C VAL A 236 -11.53 -29.09 -4.41
N ALA A 237 -10.87 -28.07 -3.86
CA ALA A 237 -11.56 -27.01 -3.14
C ALA A 237 -12.58 -26.31 -4.03
N ARG A 238 -12.17 -25.95 -5.25
CA ARG A 238 -13.06 -25.28 -6.20
C ARG A 238 -14.27 -26.14 -6.54
N GLU A 239 -14.02 -27.40 -6.90
CA GLU A 239 -15.07 -28.32 -7.35
C GLU A 239 -16.14 -28.54 -6.27
N LYS A 240 -15.72 -28.59 -5.01
CA LYS A 240 -16.63 -28.74 -3.88
C LYS A 240 -17.42 -27.44 -3.64
N LEU A 241 -16.75 -26.30 -3.79
CA LEU A 241 -17.40 -25.00 -3.67
C LEU A 241 -18.42 -24.74 -4.78
N ALA A 242 -18.04 -25.08 -6.02
CA ALA A 242 -18.93 -24.93 -7.17
C ALA A 242 -20.13 -25.86 -7.09
N ARG A 243 -19.95 -27.01 -6.42
CA ARG A 243 -20.97 -28.03 -6.31
C ARG A 243 -21.91 -27.76 -5.15
N GLU A 244 -21.37 -27.70 -3.93
CA GLU A 244 -22.19 -27.58 -2.73
C GLU A 244 -22.82 -26.20 -2.54
N GLU A 245 -22.13 -25.17 -3.04
CA GLU A 245 -22.63 -23.79 -2.95
C GLU A 245 -22.73 -23.14 -4.34
N PRO A 246 -23.76 -23.51 -5.12
CA PRO A 246 -23.85 -23.08 -6.53
C PRO A 246 -24.27 -21.62 -6.68
N ASP A 247 -25.00 -21.10 -5.71
CA ASP A 247 -25.53 -19.73 -5.80
C ASP A 247 -24.62 -18.68 -5.18
N ILE A 248 -23.60 -19.11 -4.43
CA ILE A 248 -22.63 -18.19 -3.84
C ILE A 248 -21.37 -18.11 -4.71
N TYR A 249 -20.94 -19.25 -5.23
CA TYR A 249 -19.73 -19.33 -6.04
C TYR A 249 -20.00 -19.81 -7.47
N GLN A 250 -18.95 -19.77 -8.31
CA GLN A 250 -19.00 -20.25 -9.70
C GLN A 250 -17.60 -20.23 -10.32
N ILE A 251 -17.33 -21.14 -11.25
CA ILE A 251 -16.01 -21.25 -11.88
C ILE A 251 -15.94 -20.51 -13.22
N ALA A 252 -14.95 -19.63 -13.35
CA ALA A 252 -14.69 -18.94 -14.62
C ALA A 252 -13.95 -19.85 -15.59
N LYS A 253 -14.57 -20.09 -16.74
CA LYS A 253 -14.08 -21.09 -17.70
C LYS A 253 -12.82 -20.69 -18.45
N SER A 254 -11.92 -21.67 -18.61
CA SER A 254 -10.67 -21.49 -19.33
C SER A 254 -10.85 -21.82 -20.81
N GLU A 255 -10.88 -20.78 -21.64
CA GLU A 255 -11.18 -20.92 -23.06
C GLU A 255 -9.93 -21.17 -23.92
N PRO A 256 -10.07 -21.99 -24.98
CA PRO A 256 -8.96 -22.25 -25.90
C PRO A 256 -8.69 -21.04 -26.80
N GLY A 267 -4.49 -22.58 -22.25
CA GLY A 267 -5.64 -22.11 -21.47
C GLY A 267 -5.55 -20.63 -21.10
N ILE A 268 -6.65 -19.91 -21.30
CA ILE A 268 -6.74 -18.50 -20.93
C ILE A 268 -8.09 -18.23 -20.26
N ILE A 269 -8.04 -17.68 -19.05
CA ILE A 269 -9.24 -17.13 -18.43
C ILE A 269 -9.22 -15.62 -18.65
N ARG A 270 -10.25 -15.12 -19.34
CA ARG A 270 -10.34 -13.70 -19.66
C ARG A 270 -11.25 -12.96 -18.67
N LEU A 271 -11.05 -11.64 -18.61
CA LEU A 271 -11.75 -10.76 -17.66
C LEU A 271 -13.27 -10.81 -17.82
N HIS A 272 -13.72 -10.93 -19.06
CA HIS A 272 -15.15 -10.89 -19.41
C HIS A 272 -15.97 -11.98 -18.71
N THR A 273 -15.36 -13.15 -18.53
CA THR A 273 -16.00 -14.28 -17.85
C THR A 273 -16.17 -13.98 -16.35
N ILE A 274 -15.18 -13.30 -15.78
CA ILE A 274 -15.18 -12.91 -14.37
C ILE A 274 -16.25 -11.85 -14.08
N LYS A 275 -16.37 -10.90 -15.01
CA LYS A 275 -17.29 -9.78 -14.86
C LYS A 275 -18.74 -10.25 -14.78
N GLN A 276 -19.06 -11.28 -15.56
CA GLN A 276 -20.41 -11.84 -15.58
C GLN A 276 -20.78 -12.59 -14.30
N ILE A 277 -19.79 -13.21 -13.67
CA ILE A 277 -20.00 -13.92 -12.41
C ILE A 277 -20.19 -12.91 -11.27
N ILE A 278 -19.45 -11.80 -11.35
CA ILE A 278 -19.59 -10.70 -10.40
C ILE A 278 -20.99 -10.07 -10.51
N ASP A 279 -21.43 -9.83 -11.75
CA ASP A 279 -22.71 -9.16 -12.02
C ASP A 279 -23.94 -10.00 -11.63
N GLN A 280 -23.73 -11.29 -11.36
CA GLN A 280 -24.79 -12.18 -10.90
C GLN A 280 -24.73 -12.35 -9.38
N ASP A 281 -23.81 -11.62 -8.76
CA ASP A 281 -23.56 -11.66 -7.30
C ASP A 281 -23.04 -13.02 -6.81
N LYS A 282 -21.87 -13.38 -7.32
CA LYS A 282 -21.17 -14.61 -6.92
C LYS A 282 -19.67 -14.37 -6.98
N HIS A 283 -18.90 -15.15 -6.23
CA HIS A 283 -17.44 -15.12 -6.30
C HIS A 283 -16.99 -15.98 -7.48
N ALA A 284 -16.12 -15.43 -8.32
CA ALA A 284 -15.53 -16.20 -9.41
C ALA A 284 -14.33 -17.00 -8.89
N LEU A 285 -14.40 -18.32 -9.01
CA LEU A 285 -13.30 -19.20 -8.64
C LEU A 285 -12.32 -19.29 -9.80
N LEU A 286 -11.07 -18.93 -9.54
CA LEU A 286 -10.07 -18.77 -10.61
C LEU A 286 -8.87 -19.69 -10.50
N ASP A 287 -8.70 -20.55 -11.50
CA ASP A 287 -7.51 -21.38 -11.64
C ASP A 287 -6.47 -20.60 -12.45
N VAL A 288 -5.84 -19.62 -11.81
CA VAL A 288 -4.85 -18.77 -12.48
C VAL A 288 -3.44 -18.88 -11.88
N THR A 289 -2.52 -18.07 -12.39
CA THR A 289 -1.13 -18.05 -11.96
C THR A 289 -0.93 -16.92 -10.94
N PRO A 290 0.09 -17.03 -10.05
CA PRO A 290 0.48 -15.92 -9.17
C PRO A 290 0.55 -14.57 -9.90
N ASN A 291 1.16 -14.56 -11.09
CA ASN A 291 1.33 -13.36 -11.88
C ASN A 291 0.00 -12.75 -12.33
N ALA A 292 -0.99 -13.61 -12.56
CA ALA A 292 -2.33 -13.20 -12.96
C ALA A 292 -3.06 -12.56 -11.79
N VAL A 293 -2.72 -13.02 -10.58
CA VAL A 293 -3.26 -12.45 -9.35
C VAL A 293 -2.70 -11.04 -9.18
N ASP A 294 -1.40 -10.90 -9.41
CA ASP A 294 -0.71 -9.62 -9.35
C ASP A 294 -1.37 -8.60 -10.30
N ARG A 295 -1.62 -9.04 -11.53
CA ARG A 295 -2.26 -8.20 -12.53
C ARG A 295 -3.69 -7.83 -12.15
N LEU A 296 -4.36 -8.74 -11.46
CA LEU A 296 -5.73 -8.50 -10.98
C LEU A 296 -5.77 -7.47 -9.87
N ASN A 297 -4.75 -7.49 -9.01
CA ASN A 297 -4.63 -6.47 -7.99
C ASN A 297 -4.39 -5.08 -8.61
N TYR A 298 -3.43 -5.00 -9.52
CA TYR A 298 -3.16 -3.75 -10.23
C TYR A 298 -4.42 -3.20 -10.90
N ALA A 299 -5.16 -4.07 -11.59
CA ALA A 299 -6.39 -3.68 -12.26
C ALA A 299 -7.56 -3.51 -11.30
N GLN A 300 -7.24 -3.41 -10.00
CA GLN A 300 -8.20 -3.07 -8.93
C GLN A 300 -9.34 -4.07 -8.67
N TRP A 301 -9.10 -5.33 -8.99
CA TRP A 301 -10.09 -6.38 -8.73
C TRP A 301 -9.85 -7.07 -7.38
N TYR A 302 -8.66 -6.86 -6.84
CA TYR A 302 -8.25 -7.38 -5.53
C TYR A 302 -8.95 -8.69 -5.14
N PRO A 303 -8.60 -9.79 -5.82
CA PRO A 303 -9.19 -11.07 -5.48
C PRO A 303 -8.87 -11.50 -4.05
N ILE A 304 -9.79 -12.22 -3.43
CA ILE A 304 -9.50 -12.94 -2.19
C ILE A 304 -8.62 -14.11 -2.58
N VAL A 305 -7.47 -14.23 -1.91
CA VAL A 305 -6.49 -15.26 -2.26
C VAL A 305 -6.20 -16.18 -1.09
N VAL A 306 -6.69 -17.41 -1.15
CA VAL A 306 -6.48 -18.38 -0.09
C VAL A 306 -5.37 -19.39 -0.43
N PHE A 307 -4.42 -19.55 0.48
CA PHE A 307 -3.42 -20.60 0.35
C PHE A 307 -3.73 -21.74 1.30
N LEU A 308 -3.83 -22.95 0.74
CA LEU A 308 -4.05 -24.14 1.54
C LEU A 308 -2.70 -24.78 1.78
N ASN A 309 -2.16 -24.55 2.97
CA ASN A 309 -0.82 -24.98 3.33
C ASN A 309 -0.82 -26.44 3.75
N PRO A 310 -0.13 -27.31 2.99
CA PRO A 310 -0.09 -28.73 3.28
C PRO A 310 0.79 -29.06 4.49
N ASP A 311 0.45 -30.12 5.21
CA ASP A 311 1.27 -30.56 6.36
C ASP A 311 2.52 -31.33 5.95
N SER A 312 2.41 -32.21 4.94
CA SER A 312 3.56 -32.95 4.44
C SER A 312 3.27 -33.51 3.06
N LYS A 313 4.35 -33.93 2.37
CA LYS A 313 4.26 -34.58 1.06
C LYS A 313 3.34 -35.80 1.15
N GLN A 314 3.63 -36.68 2.12
CA GLN A 314 2.81 -37.87 2.35
C GLN A 314 1.38 -37.54 2.79
N GLY A 315 1.20 -36.36 3.39
CA GLY A 315 -0.12 -35.86 3.76
C GLY A 315 -0.99 -35.49 2.57
N VAL A 316 -0.36 -34.98 1.51
CA VAL A 316 -1.09 -34.64 0.29
C VAL A 316 -1.62 -35.91 -0.35
N LYS A 317 -0.75 -36.92 -0.45
CA LYS A 317 -1.12 -38.21 -1.02
C LYS A 317 -2.35 -38.78 -0.31
N THR A 318 -2.36 -38.75 1.02
CA THR A 318 -3.48 -39.30 1.79
C THR A 318 -4.76 -38.49 1.56
N MET A 319 -4.63 -37.18 1.49
CA MET A 319 -5.78 -36.30 1.27
C MET A 319 -6.36 -36.54 -0.12
N ARG A 320 -5.47 -36.62 -1.10
CA ARG A 320 -5.86 -36.82 -2.48
C ARG A 320 -6.51 -38.18 -2.70
N MET A 321 -6.02 -39.19 -1.99
CA MET A 321 -6.58 -40.53 -2.07
C MET A 321 -7.98 -40.57 -1.49
N ARG A 322 -8.22 -39.78 -0.45
CA ARG A 322 -9.54 -39.67 0.16
C ARG A 322 -10.47 -38.87 -0.75
N LEU A 323 -10.06 -37.64 -1.05
CA LEU A 323 -10.91 -36.65 -1.71
C LEU A 323 -11.10 -36.86 -3.21
N CYS A 324 -10.08 -37.38 -3.87
CA CYS A 324 -10.16 -37.62 -5.32
C CYS A 324 -9.24 -38.75 -5.76
N PRO A 325 -9.68 -40.01 -5.55
CA PRO A 325 -8.82 -41.11 -5.94
C PRO A 325 -8.68 -41.17 -7.46
N GLU A 326 -9.65 -40.56 -8.15
CA GLU A 326 -9.74 -40.59 -9.61
C GLU A 326 -8.61 -39.80 -10.27
N SER A 327 -8.06 -38.82 -9.56
CA SER A 327 -6.97 -37.98 -10.08
C SER A 327 -5.66 -38.76 -10.24
N ARG A 328 -4.87 -38.38 -11.26
CA ARG A 328 -3.60 -39.04 -11.53
C ARG A 328 -2.43 -38.05 -11.38
N LYS A 329 -2.72 -36.91 -10.75
CA LYS A 329 -1.71 -35.90 -10.44
C LYS A 329 -0.79 -36.38 -9.33
N SER A 330 0.50 -36.06 -9.46
CA SER A 330 1.52 -36.44 -8.49
C SER A 330 1.41 -35.61 -7.21
N ALA A 331 1.46 -36.27 -6.05
CA ALA A 331 1.43 -35.56 -4.78
C ALA A 331 2.76 -34.87 -4.49
N ARG A 332 3.85 -35.51 -4.88
CA ARG A 332 5.19 -34.96 -4.67
C ARG A 332 5.36 -33.65 -5.44
N LYS A 333 4.85 -33.62 -6.67
CA LYS A 333 4.93 -32.44 -7.52
C LYS A 333 4.00 -31.33 -7.03
N LEU A 334 2.79 -31.71 -6.62
CA LEU A 334 1.85 -30.74 -6.03
C LEU A 334 2.40 -30.08 -4.75
N TYR A 335 3.05 -30.89 -3.90
CA TYR A 335 3.66 -30.42 -2.66
C TYR A 335 4.82 -29.48 -2.93
N GLU A 336 5.61 -29.84 -3.94
CA GLU A 336 6.79 -29.08 -4.36
C GLU A 336 6.37 -27.69 -4.85
N ARG A 337 5.37 -27.68 -5.74
CA ARG A 337 4.83 -26.44 -6.29
C ARG A 337 4.26 -25.56 -5.19
N SER A 338 3.64 -26.20 -4.20
CA SER A 338 3.07 -25.51 -3.03
C SER A 338 4.14 -24.78 -2.21
N HIS A 339 5.26 -25.47 -1.98
CA HIS A 339 6.40 -24.89 -1.26
C HIS A 339 7.07 -23.76 -2.03
N LYS A 340 7.33 -23.99 -3.32
CA LYS A 340 7.86 -22.96 -4.19
C LYS A 340 6.95 -21.73 -4.20
N LEU A 341 5.64 -21.97 -4.28
CA LEU A 341 4.65 -20.91 -4.33
C LEU A 341 4.69 -20.05 -3.07
N ARG A 342 4.54 -20.69 -1.91
CA ARG A 342 4.61 -20.03 -0.61
C ARG A 342 5.93 -19.29 -0.45
N LYS A 343 7.03 -19.90 -0.89
CA LYS A 343 8.35 -19.32 -0.75
C LYS A 343 8.46 -18.01 -1.54
N ASN A 344 7.87 -17.99 -2.72
CA ASN A 344 8.08 -16.89 -3.66
C ASN A 344 6.93 -15.89 -3.82
N ASN A 345 5.74 -16.25 -3.38
CA ASN A 345 4.59 -15.40 -3.65
C ASN A 345 3.65 -15.26 -2.47
N HIS A 346 4.19 -15.42 -1.25
CA HIS A 346 3.37 -15.34 -0.04
C HIS A 346 2.75 -13.96 0.18
N HIS A 347 3.41 -12.92 -0.31
CA HIS A 347 2.90 -11.55 -0.26
C HIS A 347 1.55 -11.38 -0.97
N LEU A 348 1.22 -12.32 -1.85
CA LEU A 348 -0.04 -12.29 -2.58
C LEU A 348 -1.20 -12.92 -1.83
N PHE A 349 -0.90 -13.78 -0.85
CA PHE A 349 -1.94 -14.46 -0.07
C PHE A 349 -2.72 -13.46 0.78
N THR A 350 -4.02 -13.68 0.94
CA THR A 350 -4.80 -12.86 1.86
C THR A 350 -5.19 -13.64 3.12
N THR A 351 -5.18 -14.98 3.02
CA THR A 351 -5.40 -15.90 4.15
C THR A 351 -4.73 -17.23 3.87
N THR A 352 -4.27 -17.88 4.94
CA THR A 352 -3.70 -19.22 4.88
C THR A 352 -4.52 -20.16 5.76
N ILE A 353 -4.78 -21.36 5.28
CA ILE A 353 -5.42 -22.39 6.07
C ILE A 353 -4.45 -23.56 6.17
N ASN A 354 -4.17 -24.00 7.39
CA ASN A 354 -3.26 -25.10 7.59
C ASN A 354 -3.96 -26.45 7.51
N LEU A 355 -3.74 -27.14 6.39
CA LEU A 355 -4.33 -28.44 6.17
C LEU A 355 -3.83 -29.43 7.19
N ASN A 356 -4.76 -30.25 7.69
CA ASN A 356 -4.47 -31.47 8.43
C ASN A 356 -4.93 -32.70 7.60
N SER A 357 -3.97 -33.51 7.18
CA SER A 357 -4.21 -34.57 6.19
C SER A 357 -5.29 -35.58 6.57
N MET A 358 -5.56 -35.71 7.86
CA MET A 358 -6.54 -36.68 8.36
C MET A 358 -7.86 -36.04 8.75
N ASN A 359 -8.12 -34.84 8.21
CA ASN A 359 -9.23 -34.02 8.67
C ASN A 359 -9.69 -32.96 7.66
N ASP A 360 -10.94 -33.11 7.19
CA ASP A 360 -11.50 -32.24 6.15
C ASP A 360 -12.16 -30.96 6.68
N GLY A 361 -11.73 -30.52 7.86
CA GLY A 361 -12.22 -29.29 8.48
C GLY A 361 -11.70 -28.04 7.80
N TRP A 362 -10.90 -28.24 6.75
CA TRP A 362 -10.40 -27.15 5.94
C TRP A 362 -11.51 -26.53 5.09
N TYR A 363 -12.48 -27.34 4.67
CA TYR A 363 -13.57 -26.87 3.80
C TYR A 363 -14.48 -25.89 4.55
N GLY A 364 -14.96 -26.31 5.72
CA GLY A 364 -15.64 -25.41 6.65
C GLY A 364 -14.83 -24.14 6.88
N ALA A 365 -13.55 -24.32 7.18
CA ALA A 365 -12.63 -23.21 7.41
C ALA A 365 -12.55 -22.28 6.20
N LEU A 366 -12.48 -22.87 5.01
CA LEU A 366 -12.37 -22.14 3.75
C LEU A 366 -13.58 -21.27 3.44
N LYS A 367 -14.78 -21.84 3.56
CA LYS A 367 -16.00 -21.07 3.37
C LYS A 367 -16.04 -19.91 4.36
N GLU A 368 -15.74 -20.22 5.62
CA GLU A 368 -15.77 -19.22 6.69
C GLU A 368 -14.75 -18.11 6.44
N ALA A 369 -13.56 -18.51 5.95
CA ALA A 369 -12.47 -17.57 5.67
C ALA A 369 -12.79 -16.67 4.47
N ILE A 370 -13.32 -17.27 3.41
CA ILE A 370 -13.67 -16.53 2.19
C ILE A 370 -14.67 -15.42 2.48
N GLN A 371 -15.66 -15.71 3.31
CA GLN A 371 -16.64 -14.69 3.70
C GLN A 371 -16.02 -13.66 4.64
N GLN A 372 -15.30 -14.13 5.65
CA GLN A 372 -14.62 -13.26 6.60
C GLN A 372 -13.82 -12.18 5.85
N GLN A 373 -13.20 -12.59 4.74
CA GLN A 373 -12.46 -11.69 3.86
C GLN A 373 -13.36 -10.68 3.16
N GLN A 374 -14.43 -11.17 2.53
CA GLN A 374 -15.35 -10.31 1.81
C GLN A 374 -15.84 -9.15 2.67
N ASN A 375 -16.11 -9.44 3.94
CA ASN A 375 -16.56 -8.44 4.90
C ASN A 375 -15.45 -7.48 5.35
N GLN A 376 -14.20 -7.83 5.07
CA GLN A 376 -13.08 -6.92 5.35
C GLN A 376 -13.04 -5.74 4.37
N LEU A 377 -12.51 -4.63 4.85
CA LEU A 377 -12.21 -3.49 4.00
C LEU A 377 -10.92 -3.78 3.23
N VAL A 378 -10.75 -3.11 2.10
CA VAL A 378 -9.55 -3.32 1.26
C VAL A 378 -8.75 -2.03 1.05
N TRP A 379 -7.43 -2.15 1.11
CA TRP A 379 -6.55 -1.07 0.70
C TRP A 379 -6.51 -1.05 -0.81
N VAL A 380 -6.93 0.07 -1.38
CA VAL A 380 -7.13 0.23 -2.80
C VAL A 380 -6.29 1.43 -3.24
N SER A 381 -6.00 1.52 -4.53
CA SER A 381 -5.24 2.65 -5.08
C SER A 381 -6.03 3.96 -4.95
N GLU A 382 -5.38 5.09 -5.22
CA GLU A 382 -6.04 6.38 -5.24
C GLU A 382 -6.39 6.77 -6.68
N GLY B 4 15.44 18.61 19.99
CA GLY B 4 16.10 19.65 19.14
C GLY B 4 16.56 19.11 17.80
N LYS B 5 15.62 18.93 16.88
CA LYS B 5 15.90 18.39 15.55
C LYS B 5 16.61 19.40 14.66
N THR B 6 17.45 18.88 13.75
CA THR B 6 18.20 19.72 12.79
C THR B 6 17.26 20.31 11.73
N SER B 7 17.00 21.61 11.86
CA SER B 7 16.08 22.33 10.96
C SER B 7 16.61 22.41 9.54
N VAL B 8 15.71 22.41 8.56
CA VAL B 8 16.10 22.52 7.15
C VAL B 8 15.53 23.76 6.47
N TRP B 9 16.39 24.76 6.30
CA TRP B 9 16.02 26.05 5.71
C TRP B 9 16.25 26.02 4.21
N ILE B 10 15.24 26.45 3.46
CA ILE B 10 15.32 26.52 2.00
C ILE B 10 15.15 27.94 1.49
#